data_4UWB
#
_entry.id   4UWB
#
_cell.length_a   208.623
_cell.length_b   57.323
_cell.length_c   65.628
_cell.angle_alpha   90.00
_cell.angle_beta   107.58
_cell.angle_gamma   90.00
#
_symmetry.space_group_name_H-M   'C 1 2 1'
#
loop_
_entity.id
_entity.type
_entity.pdbx_description
1 polymer 'FIBROBLAST GROWTH FACTOR RECEPTOR 1'
2 non-polymer 1,2-ETHANEDIOL
3 non-polymer N-[4-(4-methylpiperazin-1-yl)phenyl]-1H-indazole-3-carboxamide
4 non-polymer 'SULFATE ION'
5 water water
#
_entity_poly.entity_id   1
_entity_poly.type   'polypeptide(L)'
_entity_poly.pdbx_seq_one_letter_code
;GAGVSEYELPEDPRWELPRDRLVLGKPLGEGAFGQVVLAEAIGLDKDKPNRVTKVAVKMLKSDATEKDLSDLISEMEMMK
MIGKHKNIINLLGACTQDGPLYVIVEYASKGNLREYLQARRPPGLEYSYNPSHNPEEQLSSKDLVSCAYQVARGMEYLAS
KKCIHRDLAARNVLVTEDNVMKIADFGLARDIHHIDYYKKTTNGRLPVKWMAPEALFDRIYTHQSDVWSFGVLLWEIFTL
GGSPYPGVPVEELFKLLKEGHRMDKPSNCTNELYMMMRDCWHAVPSQRPTFKQLVEDLDRIVALTSNQE
;
_entity_poly.pdbx_strand_id   A,B
#
loop_
_chem_comp.id
_chem_comp.type
_chem_comp.name
_chem_comp.formula
EDO non-polymer 1,2-ETHANEDIOL 'C2 H6 O2'
JVT non-polymer N-[4-(4-methylpiperazin-1-yl)phenyl]-1H-indazole-3-carboxamide 'C19 H21 N5 O'
SO4 non-polymer 'SULFATE ION' 'O4 S -2'
#
# COMPACT_ATOMS: atom_id res chain seq x y z
N GLU A 8 -49.45 16.36 -4.71
CA GLU A 8 -49.88 14.97 -4.34
C GLU A 8 -49.24 13.91 -5.23
N LEU A 9 -48.81 12.82 -4.62
CA LEU A 9 -48.22 11.70 -5.34
C LEU A 9 -49.33 10.76 -5.80
N PRO A 10 -49.17 10.16 -7.00
CA PRO A 10 -50.23 9.23 -7.44
C PRO A 10 -50.04 7.86 -6.77
N GLU A 11 -51.14 7.18 -6.45
CA GLU A 11 -51.00 5.84 -5.88
C GLU A 11 -50.68 4.83 -6.95
N ASP A 12 -49.91 3.83 -6.56
CA ASP A 12 -49.54 2.73 -7.43
C ASP A 12 -49.89 1.46 -6.66
N PRO A 13 -51.04 0.85 -6.98
CA PRO A 13 -51.48 -0.33 -6.18
C PRO A 13 -50.54 -1.54 -6.34
N ARG A 14 -49.54 -1.46 -7.19
CA ARG A 14 -48.57 -2.53 -7.27
C ARG A 14 -47.77 -2.54 -5.96
N TRP A 15 -47.53 -1.36 -5.39
CA TRP A 15 -46.53 -1.22 -4.37
C TRP A 15 -47.05 -0.68 -3.06
N GLU A 16 -48.27 -0.14 -3.04
CA GLU A 16 -48.75 0.62 -1.88
C GLU A 16 -49.04 -0.26 -0.64
N LEU A 17 -48.36 0.01 0.48
CA LEU A 17 -48.69 -0.66 1.75
C LEU A 17 -49.43 0.30 2.69
N PRO A 18 -50.57 -0.12 3.27
CA PRO A 18 -51.17 0.88 4.18
C PRO A 18 -50.20 1.31 5.31
N ARG A 19 -50.35 2.56 5.75
CA ARG A 19 -49.44 3.17 6.72
C ARG A 19 -49.43 2.43 8.06
N ASP A 20 -50.62 2.03 8.51
CA ASP A 20 -50.77 1.31 9.78
C ASP A 20 -50.30 -0.16 9.76
N ARG A 21 -49.67 -0.56 8.65
CA ARG A 21 -49.08 -1.88 8.49
C ARG A 21 -47.58 -1.82 8.66
N LEU A 22 -47.08 -0.68 9.11
CA LEU A 22 -45.66 -0.41 9.17
C LEU A 22 -45.34 0.15 10.54
N VAL A 23 -44.53 -0.55 11.31
CA VAL A 23 -44.20 -0.03 12.64
C VAL A 23 -42.77 0.45 12.61
N LEU A 24 -42.60 1.76 12.74
CA LEU A 24 -41.30 2.39 12.57
C LEU A 24 -40.41 2.13 13.79
N GLY A 25 -39.19 1.64 13.52
CA GLY A 25 -38.21 1.33 14.56
C GLY A 25 -36.93 2.15 14.52
N LYS A 26 -35.81 1.52 14.90
CA LYS A 26 -34.60 2.30 15.26
C LYS A 26 -33.89 2.78 13.99
N PRO A 27 -33.20 3.94 14.06
CA PRO A 27 -32.57 4.42 12.83
C PRO A 27 -31.50 3.44 12.36
N LEU A 28 -31.23 3.42 11.06
CA LEU A 28 -30.11 2.64 10.52
C LEU A 28 -29.03 3.52 9.89
N GLY A 29 -29.45 4.68 9.38
CA GLY A 29 -28.57 5.46 8.50
C GLY A 29 -28.99 6.89 8.30
N GLU A 30 -27.98 7.74 8.15
CA GLU A 30 -28.12 9.19 7.98
C GLU A 30 -27.30 9.67 6.76
N GLY A 31 -27.55 10.90 6.27
CA GLY A 31 -28.51 11.83 6.87
C GLY A 31 -29.20 12.68 5.83
N ALA A 32 -28.45 13.61 5.25
CA ALA A 32 -28.92 14.48 4.16
C ALA A 32 -29.54 13.67 3.01
N PHE A 33 -28.87 12.59 2.62
CA PHE A 33 -29.30 11.72 1.51
C PHE A 33 -30.53 10.88 1.83
N GLY A 34 -31.20 11.19 2.93
CA GLY A 34 -32.43 10.49 3.33
C GLY A 34 -32.21 9.48 4.45
N GLN A 35 -32.86 9.71 5.59
CA GLN A 35 -32.76 8.79 6.74
C GLN A 35 -33.29 7.37 6.46
N VAL A 36 -32.59 6.36 6.98
CA VAL A 36 -33.08 4.98 6.87
C VAL A 36 -33.33 4.40 8.26
N VAL A 37 -34.54 3.89 8.46
CA VAL A 37 -34.93 3.33 9.75
C VAL A 37 -35.30 1.85 9.63
N LEU A 38 -35.17 1.10 10.73
CA LEU A 38 -35.59 -0.28 10.72
C LEU A 38 -37.10 -0.23 10.96
N ALA A 39 -37.85 -1.16 10.37
CA ALA A 39 -39.30 -1.25 10.65
C ALA A 39 -39.75 -2.66 10.53
N GLU A 40 -40.97 -2.90 11.01
CA GLU A 40 -41.68 -4.16 10.77
C GLU A 40 -42.97 -3.95 9.95
N ALA A 41 -43.07 -4.67 8.86
CA ALA A 41 -44.27 -4.60 8.00
C ALA A 41 -45.17 -5.77 8.32
N ILE A 42 -46.44 -5.49 8.60
CA ILE A 42 -47.39 -6.54 8.87
C ILE A 42 -48.02 -6.87 7.53
N GLY A 43 -47.95 -8.13 7.11
CA GLY A 43 -48.74 -8.53 5.97
C GLY A 43 -48.36 -7.80 4.69
N LEU A 44 -47.07 -7.87 4.39
CA LEU A 44 -46.47 -7.27 3.22
C LEU A 44 -46.88 -8.12 2.03
N ASP A 45 -46.67 -9.42 2.15
CA ASP A 45 -46.88 -10.32 1.04
C ASP A 45 -48.34 -10.78 0.97
N LYS A 46 -48.76 -11.17 -0.24
CA LYS A 46 -50.13 -11.60 -0.56
C LYS A 46 -50.90 -12.19 0.64
N ASP A 47 -50.38 -13.30 1.18
CA ASP A 47 -50.90 -13.98 2.38
C ASP A 47 -49.83 -14.89 3.01
N LYS A 48 -49.77 -14.95 4.34
CA LYS A 48 -50.80 -14.32 5.20
C LYS A 48 -50.51 -12.84 5.47
N PRO A 49 -51.56 -12.06 5.78
CA PRO A 49 -51.33 -10.71 6.27
C PRO A 49 -50.97 -10.68 7.75
N ASN A 50 -50.78 -11.83 8.38
CA ASN A 50 -50.57 -11.87 9.85
C ASN A 50 -49.10 -11.98 10.26
N ARG A 51 -48.22 -11.93 9.29
CA ARG A 51 -46.82 -12.18 9.54
C ARG A 51 -46.02 -10.89 9.37
N VAL A 52 -45.04 -10.70 10.24
CA VAL A 52 -44.22 -9.49 10.35
C VAL A 52 -42.88 -9.72 9.63
N THR A 53 -42.55 -8.79 8.74
CA THR A 53 -41.26 -8.83 8.05
C THR A 53 -40.43 -7.62 8.47
N LYS A 54 -39.17 -7.85 8.89
CA LYS A 54 -38.26 -6.74 9.16
C LYS A 54 -37.84 -6.12 7.83
N VAL A 55 -38.03 -4.82 7.70
CA VAL A 55 -37.67 -4.10 6.50
C VAL A 55 -36.79 -2.87 6.85
N ALA A 56 -36.11 -2.29 5.86
CA ALA A 56 -35.47 -0.97 5.98
C ALA A 56 -36.41 -0.06 5.26
N VAL A 57 -36.72 1.08 5.86
CA VAL A 57 -37.59 2.11 5.28
C VAL A 57 -36.80 3.40 5.01
N LYS A 58 -36.86 3.89 3.78
CA LYS A 58 -36.20 5.14 3.42
C LYS A 58 -37.15 6.36 3.50
N MET A 59 -36.68 7.44 4.10
CA MET A 59 -37.50 8.65 4.19
C MET A 59 -36.62 9.88 4.11
N LEU A 60 -37.25 11.05 4.14
CA LEU A 60 -36.59 12.34 4.21
C LEU A 60 -36.58 12.89 5.62
N LYS A 61 -35.62 13.78 5.89
CA LYS A 61 -35.47 14.46 7.18
C LYS A 61 -36.35 15.70 7.25
N SER A 62 -36.16 16.48 8.33
CA SER A 62 -37.00 17.66 8.64
C SER A 62 -36.87 18.78 7.59
N ASP A 63 -35.76 19.50 7.64
CA ASP A 63 -35.46 20.59 6.69
C ASP A 63 -35.06 20.03 5.32
N ALA A 64 -35.99 19.32 4.71
CA ALA A 64 -35.76 18.64 3.44
C ALA A 64 -36.42 19.43 2.31
N THR A 65 -35.73 19.49 1.18
CA THR A 65 -36.17 20.27 0.02
C THR A 65 -37.03 19.43 -0.92
N GLU A 66 -37.68 20.10 -1.88
CA GLU A 66 -38.40 19.42 -2.96
C GLU A 66 -37.49 18.57 -3.85
N LYS A 67 -36.24 18.99 -3.99
CA LYS A 67 -35.29 18.23 -4.79
C LYS A 67 -34.92 16.92 -4.09
N ASP A 68 -34.86 16.96 -2.76
CA ASP A 68 -34.62 15.76 -1.95
C ASP A 68 -35.81 14.82 -2.10
N LEU A 69 -37.02 15.38 -2.05
CA LEU A 69 -38.25 14.63 -2.37
C LEU A 69 -38.20 14.03 -3.79
N SER A 70 -37.88 14.85 -4.78
CA SER A 70 -37.79 14.41 -6.18
C SER A 70 -36.82 13.24 -6.40
N ASP A 71 -35.66 13.26 -5.75
CA ASP A 71 -34.69 12.19 -5.86
C ASP A 71 -35.18 10.87 -5.27
N LEU A 72 -35.86 10.94 -4.12
CA LEU A 72 -36.34 9.73 -3.45
C LEU A 72 -37.37 9.03 -4.32
N ILE A 73 -38.29 9.83 -4.89
CA ILE A 73 -39.26 9.30 -5.87
C ILE A 73 -38.52 8.62 -7.03
N SER A 74 -37.63 9.35 -7.70
CA SER A 74 -36.87 8.80 -8.81
C SER A 74 -36.17 7.49 -8.47
N GLU A 75 -35.56 7.40 -7.29
CA GLU A 75 -34.93 6.16 -6.88
C GLU A 75 -35.96 5.03 -6.71
N MET A 76 -37.12 5.34 -6.14
CA MET A 76 -38.18 4.34 -6.03
C MET A 76 -38.68 3.83 -7.43
N GLU A 77 -38.99 4.75 -8.32
CA GLU A 77 -39.46 4.41 -9.67
C GLU A 77 -38.42 3.59 -10.45
N MET A 78 -37.16 3.95 -10.28
CA MET A 78 -36.07 3.23 -10.91
C MET A 78 -36.03 1.76 -10.40
N MET A 79 -36.16 1.56 -9.09
CA MET A 79 -36.23 0.20 -8.56
C MET A 79 -37.42 -0.57 -9.14
N LYS A 80 -38.56 0.10 -9.32
CA LYS A 80 -39.73 -0.53 -9.98
C LYS A 80 -39.39 -1.06 -11.39
N MET A 81 -38.73 -0.23 -12.19
CA MET A 81 -38.36 -0.58 -13.58
C MET A 81 -37.31 -1.71 -13.61
N ILE A 82 -36.34 -1.68 -12.70
CA ILE A 82 -35.25 -2.68 -12.68
C ILE A 82 -35.65 -4.15 -12.30
N GLY A 83 -36.69 -4.32 -11.47
CA GLY A 83 -37.12 -5.64 -11.09
C GLY A 83 -36.22 -6.35 -10.08
N LYS A 84 -36.63 -7.56 -9.73
CA LYS A 84 -36.08 -8.33 -8.64
C LYS A 84 -34.79 -9.08 -8.96
N HIS A 85 -33.81 -9.01 -8.07
CA HIS A 85 -32.69 -9.97 -8.11
C HIS A 85 -32.23 -10.27 -6.68
N LYS A 86 -31.78 -11.51 -6.47
CA LYS A 86 -31.25 -11.96 -5.18
C LYS A 86 -30.08 -11.10 -4.70
N ASN A 87 -29.24 -10.63 -5.62
CA ASN A 87 -28.07 -9.89 -5.19
C ASN A 87 -28.15 -8.35 -5.30
N ILE A 88 -29.38 -7.81 -5.27
CA ILE A 88 -29.64 -6.35 -5.12
C ILE A 88 -30.62 -6.10 -3.99
N ILE A 89 -30.58 -4.89 -3.44
CA ILE A 89 -31.56 -4.45 -2.47
C ILE A 89 -32.85 -4.30 -3.27
N ASN A 90 -33.83 -5.13 -2.94
CA ASN A 90 -35.10 -5.11 -3.67
C ASN A 90 -36.14 -4.17 -3.06
N LEU A 91 -36.96 -3.58 -3.92
CA LEU A 91 -38.06 -2.77 -3.46
C LEU A 91 -39.14 -3.73 -2.93
N LEU A 92 -39.73 -3.40 -1.79
CA LEU A 92 -40.79 -4.24 -1.15
C LEU A 92 -42.18 -3.57 -1.11
N GLY A 93 -42.21 -2.24 -1.05
CA GLY A 93 -43.47 -1.53 -0.86
C GLY A 93 -43.26 -0.05 -0.73
N ALA A 94 -44.35 0.67 -0.52
CA ALA A 94 -44.28 2.13 -0.37
C ALA A 94 -45.55 2.62 0.28
N CYS A 95 -45.40 3.64 1.14
CA CYS A 95 -46.51 4.41 1.65
C CYS A 95 -46.37 5.79 1.04
N THR A 96 -47.29 6.11 0.14
CA THR A 96 -47.16 7.34 -0.64
C THR A 96 -48.30 8.30 -0.37
N GLN A 97 -49.37 7.77 0.20
CA GLN A 97 -50.59 8.55 0.45
C GLN A 97 -50.78 9.00 1.90
N ASP A 98 -51.38 10.18 2.06
CA ASP A 98 -51.81 10.75 3.36
C ASP A 98 -50.69 10.88 4.42
N GLY A 99 -49.51 11.30 3.99
CA GLY A 99 -48.37 11.47 4.90
C GLY A 99 -47.00 11.45 4.22
N PRO A 100 -45.93 11.36 5.02
CA PRO A 100 -44.56 11.39 4.50
C PRO A 100 -44.27 10.16 3.63
N LEU A 101 -43.38 10.31 2.67
CA LEU A 101 -43.10 9.24 1.75
C LEU A 101 -42.21 8.25 2.42
N TYR A 102 -42.59 6.98 2.38
CA TYR A 102 -41.72 5.89 2.83
C TYR A 102 -41.47 5.00 1.63
N VAL A 103 -40.22 4.69 1.33
CA VAL A 103 -39.88 3.68 0.34
C VAL A 103 -39.37 2.50 1.15
N ILE A 104 -39.97 1.33 0.94
CA ILE A 104 -39.70 0.13 1.73
C ILE A 104 -38.90 -0.85 0.92
N VAL A 105 -37.76 -1.25 1.49
CA VAL A 105 -36.77 -2.02 0.76
C VAL A 105 -36.27 -3.14 1.69
N GLU A 106 -35.52 -4.11 1.15
CA GLU A 106 -35.03 -5.21 1.96
C GLU A 106 -34.06 -4.73 3.02
N TYR A 107 -34.13 -5.41 4.16
CA TYR A 107 -33.28 -5.20 5.29
C TYR A 107 -32.08 -6.13 5.18
N ALA A 108 -30.90 -5.57 5.36
CA ALA A 108 -29.68 -6.37 5.40
C ALA A 108 -29.08 -6.15 6.80
N SER A 109 -29.20 -7.18 7.63
CA SER A 109 -28.96 -7.03 9.08
C SER A 109 -27.49 -7.02 9.49
N LYS A 110 -26.57 -7.31 8.57
CA LYS A 110 -25.14 -7.29 8.93
C LYS A 110 -24.42 -6.07 8.37
N GLY A 111 -25.20 -5.09 7.88
CA GLY A 111 -24.66 -3.85 7.33
C GLY A 111 -23.85 -4.00 6.04
N ASN A 112 -23.00 -3.00 5.75
CA ASN A 112 -22.24 -2.96 4.53
C ASN A 112 -21.05 -3.91 4.50
N LEU A 113 -20.57 -4.25 3.31
CA LEU A 113 -19.54 -5.28 3.18
C LEU A 113 -18.20 -4.87 3.81
N ARG A 114 -17.82 -3.61 3.70
CA ARG A 114 -16.61 -3.10 4.34
C ARG A 114 -16.62 -3.45 5.83
N GLU A 115 -17.66 -3.02 6.55
CA GLU A 115 -17.85 -3.35 7.97
C GLU A 115 -17.81 -4.85 8.21
N TYR A 116 -18.56 -5.59 7.39
CA TYR A 116 -18.66 -7.04 7.49
C TYR A 116 -17.28 -7.67 7.36
N LEU A 117 -16.50 -7.25 6.36
CA LEU A 117 -15.13 -7.70 6.17
C LEU A 117 -14.25 -7.40 7.37
N GLN A 118 -14.31 -6.16 7.87
CA GLN A 118 -13.41 -5.69 8.95
C GLN A 118 -13.63 -6.45 10.25
N ALA A 119 -14.91 -6.70 10.57
CA ALA A 119 -15.32 -7.38 11.80
C ALA A 119 -14.86 -8.83 11.91
N ARG A 120 -14.57 -9.47 10.78
CA ARG A 120 -14.17 -10.88 10.75
C ARG A 120 -12.65 -11.08 10.53
N ARG A 121 -11.89 -9.99 10.60
CA ARG A 121 -10.41 -10.05 10.47
C ARG A 121 -9.82 -10.88 11.61
N PRO A 122 -8.70 -11.59 11.37
CA PRO A 122 -8.16 -12.35 12.47
C PRO A 122 -7.77 -11.48 13.69
N PRO A 123 -7.73 -12.09 14.88
CA PRO A 123 -7.43 -11.44 16.14
C PRO A 123 -6.19 -10.55 16.13
N GLY A 124 -6.24 -9.54 16.99
CA GLY A 124 -5.18 -8.54 17.10
C GLY A 124 -4.03 -9.13 17.88
N LEU A 125 -2.83 -9.00 17.29
CA LEU A 125 -1.60 -9.45 17.93
C LEU A 125 -0.95 -8.29 18.67
N GLU A 126 0.07 -8.61 19.47
CA GLU A 126 0.97 -7.64 20.09
C GLU A 126 1.21 -6.36 19.27
N TYR A 127 1.17 -6.50 17.94
CA TYR A 127 1.66 -5.45 17.03
C TYR A 127 0.55 -4.75 16.21
N SER A 128 -0.69 -5.18 16.47
CA SER A 128 -1.86 -4.49 15.91
C SER A 128 -2.25 -3.33 16.82
N PRO A 131 -5.29 -4.92 19.64
CA PRO A 131 -4.57 -6.13 20.13
C PRO A 131 -5.48 -7.13 20.85
N SER A 132 -6.73 -6.76 21.09
CA SER A 132 -7.74 -7.72 21.63
C SER A 132 -8.97 -7.85 20.70
N HIS A 133 -8.77 -7.63 19.40
CA HIS A 133 -9.82 -7.83 18.40
C HIS A 133 -10.17 -9.31 18.24
N ASN A 134 -10.79 -9.89 19.27
CA ASN A 134 -11.27 -11.27 19.19
C ASN A 134 -12.62 -11.33 18.47
N PRO A 135 -12.61 -11.55 17.14
CA PRO A 135 -13.90 -11.67 16.44
C PRO A 135 -14.60 -12.98 16.83
N GLU A 136 -15.92 -13.03 16.67
CA GLU A 136 -16.69 -14.23 16.99
C GLU A 136 -16.88 -15.07 15.74
N GLU A 137 -16.42 -14.52 14.61
CA GLU A 137 -16.78 -15.00 13.28
C GLU A 137 -15.59 -14.88 12.30
N GLN A 138 -15.57 -15.70 11.25
CA GLN A 138 -14.36 -15.90 10.41
C GLN A 138 -14.61 -16.50 9.00
N LEU A 139 -13.98 -15.88 7.99
CA LEU A 139 -14.22 -16.13 6.57
C LEU A 139 -13.08 -16.86 5.90
N SER A 140 -13.37 -18.00 5.26
CA SER A 140 -12.37 -18.77 4.53
C SER A 140 -12.15 -18.17 3.15
N SER A 141 -11.13 -18.64 2.43
CA SER A 141 -10.90 -18.22 1.05
C SER A 141 -12.08 -18.51 0.10
N LYS A 142 -12.83 -19.56 0.33
CA LYS A 142 -13.98 -19.84 -0.51
C LYS A 142 -15.10 -18.86 -0.21
N ASP A 143 -15.29 -18.49 1.06
CA ASP A 143 -16.23 -17.42 1.44
C ASP A 143 -15.96 -16.09 0.75
N LEU A 144 -14.68 -15.72 0.68
CA LEU A 144 -14.31 -14.40 0.12
C LEU A 144 -14.57 -14.33 -1.39
N VAL A 145 -14.17 -15.39 -2.13
CA VAL A 145 -14.45 -15.48 -3.58
C VAL A 145 -15.95 -15.55 -3.88
N SER A 146 -16.71 -16.16 -2.99
CA SER A 146 -18.16 -16.19 -3.04
C SER A 146 -18.81 -14.81 -2.88
N CYS A 147 -18.33 -13.98 -1.94
CA CYS A 147 -18.73 -12.57 -1.87
C CYS A 147 -18.53 -11.90 -3.23
N ALA A 148 -17.40 -12.16 -3.88
CA ALA A 148 -17.12 -11.49 -5.13
C ALA A 148 -18.05 -12.03 -6.20
N TYR A 149 -18.32 -13.33 -6.18
CA TYR A 149 -19.21 -13.90 -7.17
C TYR A 149 -20.61 -13.26 -7.08
N GLN A 150 -21.11 -13.04 -5.85
CA GLN A 150 -22.46 -12.52 -5.64
C GLN A 150 -22.56 -11.06 -6.05
N VAL A 151 -21.54 -10.25 -5.72
CA VAL A 151 -21.55 -8.86 -6.16
C VAL A 151 -21.47 -8.81 -7.71
N ALA A 152 -20.66 -9.68 -8.33
CA ALA A 152 -20.54 -9.65 -9.79
C ALA A 152 -21.87 -10.08 -10.41
N ARG A 153 -22.55 -11.04 -9.78
CA ARG A 153 -23.89 -11.51 -10.19
C ARG A 153 -24.90 -10.41 -10.16
N GLY A 154 -24.93 -9.67 -9.05
CA GLY A 154 -25.86 -8.55 -8.94
C GLY A 154 -25.58 -7.45 -9.96
N MET A 155 -24.29 -7.20 -10.21
CA MET A 155 -23.87 -6.24 -11.21
C MET A 155 -24.23 -6.64 -12.65
N GLU A 156 -24.05 -7.92 -12.97
CA GLU A 156 -24.44 -8.46 -14.23
C GLU A 156 -25.95 -8.29 -14.48
N TYR A 157 -26.74 -8.62 -13.46
CA TYR A 157 -28.15 -8.35 -13.50
C TYR A 157 -28.43 -6.88 -13.77
N LEU A 158 -27.80 -5.98 -13.03
CA LEU A 158 -28.06 -4.50 -13.23
C LEU A 158 -27.68 -3.99 -14.63
N ALA A 159 -26.51 -4.42 -15.11
CA ALA A 159 -26.06 -4.13 -16.48
C ALA A 159 -27.03 -4.65 -17.53
N SER A 160 -27.58 -5.85 -17.32
CA SER A 160 -28.57 -6.39 -18.28
C SER A 160 -29.88 -5.56 -18.27
N LYS A 161 -30.14 -4.84 -17.18
CA LYS A 161 -31.24 -3.90 -17.13
C LYS A 161 -30.77 -2.49 -17.43
N LYS A 162 -29.57 -2.38 -18.02
CA LYS A 162 -29.08 -1.11 -18.55
C LYS A 162 -28.74 -0.09 -17.48
N CYS A 163 -28.50 -0.57 -16.26
CA CYS A 163 -28.22 0.31 -15.12
C CYS A 163 -26.73 0.43 -14.94
N ILE A 164 -26.24 1.67 -14.87
CA ILE A 164 -24.87 1.95 -14.49
C ILE A 164 -24.87 2.46 -13.07
N HIS A 165 -24.13 1.76 -12.21
CA HIS A 165 -24.08 2.11 -10.78
C HIS A 165 -23.38 3.45 -10.49
N ARG A 166 -22.13 3.59 -10.97
CA ARG A 166 -21.30 4.82 -10.78
C ARG A 166 -20.61 4.94 -9.40
N ASP A 167 -21.06 4.22 -8.39
CA ASP A 167 -20.39 4.25 -7.08
C ASP A 167 -20.32 2.85 -6.46
N LEU A 168 -19.97 1.86 -7.28
CA LEU A 168 -19.77 0.55 -6.77
C LEU A 168 -18.51 0.59 -5.87
N ALA A 169 -18.67 0.02 -4.67
CA ALA A 169 -17.65 -0.02 -3.65
C ALA A 169 -18.24 -0.90 -2.57
N ALA A 170 -17.40 -1.46 -1.70
CA ALA A 170 -17.88 -2.33 -0.61
C ALA A 170 -18.90 -1.62 0.35
N ARG A 171 -18.74 -0.31 0.63
CA ARG A 171 -19.72 0.45 1.41
C ARG A 171 -21.16 0.40 0.85
N ASN A 172 -21.27 0.24 -0.46
CA ASN A 172 -22.59 0.15 -1.11
C ASN A 172 -23.06 -1.27 -1.45
N VAL A 173 -22.47 -2.27 -0.81
CA VAL A 173 -22.91 -3.66 -0.90
C VAL A 173 -23.36 -4.05 0.49
N LEU A 174 -24.55 -4.60 0.61
CA LEU A 174 -25.08 -4.82 1.95
C LEU A 174 -25.13 -6.31 2.18
N VAL A 175 -25.15 -6.71 3.45
CA VAL A 175 -25.07 -8.13 3.79
C VAL A 175 -26.25 -8.53 4.65
N THR A 176 -27.03 -9.50 4.19
CA THR A 176 -28.18 -9.99 4.97
C THR A 176 -27.76 -10.99 6.02
N GLU A 177 -28.73 -11.31 6.88
CA GLU A 177 -28.56 -12.23 7.99
C GLU A 177 -28.03 -13.60 7.53
N ASP A 178 -28.38 -14.00 6.31
CA ASP A 178 -27.85 -15.22 5.70
C ASP A 178 -26.61 -15.04 4.83
N ASN A 179 -25.93 -13.89 4.98
CA ASN A 179 -24.67 -13.61 4.28
C ASN A 179 -24.76 -13.47 2.75
N VAL A 180 -25.93 -13.09 2.24
CA VAL A 180 -26.14 -12.86 0.81
C VAL A 180 -25.72 -11.42 0.55
N MET A 181 -24.93 -11.20 -0.49
CA MET A 181 -24.51 -9.85 -0.84
C MET A 181 -25.62 -9.23 -1.67
N LYS A 182 -26.00 -8.00 -1.32
CA LYS A 182 -26.98 -7.19 -2.08
C LYS A 182 -26.44 -5.81 -2.37
N ILE A 183 -26.43 -5.44 -3.65
CA ILE A 183 -25.99 -4.13 -4.09
C ILE A 183 -27.03 -3.04 -3.75
N ALA A 184 -26.56 -1.95 -3.16
CA ALA A 184 -27.41 -0.87 -2.70
C ALA A 184 -27.07 0.28 -3.56
N ASP A 185 -27.98 1.26 -3.59
CA ASP A 185 -27.70 2.59 -4.09
C ASP A 185 -27.54 2.67 -5.58
N PHE A 186 -28.13 1.71 -6.30
CA PHE A 186 -28.06 1.61 -7.76
C PHE A 186 -29.15 2.40 -8.45
N GLY A 187 -30.20 2.74 -7.71
CA GLY A 187 -31.22 3.63 -8.25
C GLY A 187 -31.08 5.11 -7.92
N LEU A 188 -29.94 5.51 -7.37
CA LEU A 188 -29.74 6.93 -6.99
C LEU A 188 -29.66 7.91 -8.17
N ALA A 189 -30.24 9.11 -7.97
CA ALA A 189 -30.42 10.08 -9.05
C ALA A 189 -29.13 10.62 -9.68
N ARG A 190 -29.32 11.35 -10.78
CA ARG A 190 -28.25 11.86 -11.65
C ARG A 190 -27.02 12.43 -10.93
N ASP A 191 -27.05 13.74 -10.65
CA ASP A 191 -25.97 14.44 -9.98
C ASP A 191 -24.67 14.42 -10.80
N HIS A 193 -21.88 16.26 -13.02
CA HIS A 193 -21.82 17.70 -13.32
C HIS A 193 -21.51 18.53 -12.08
N HIS A 194 -21.62 17.88 -10.91
CA HIS A 194 -21.52 18.56 -9.62
C HIS A 194 -20.80 17.73 -8.53
N ILE A 195 -20.19 16.61 -8.92
CA ILE A 195 -19.43 15.77 -7.98
C ILE A 195 -18.12 16.47 -7.65
N ASP A 196 -17.87 16.73 -6.37
CA ASP A 196 -16.61 17.35 -5.96
C ASP A 196 -15.66 16.28 -5.43
N TYR A 197 -14.50 16.18 -6.09
CA TYR A 197 -13.53 15.16 -5.80
C TYR A 197 -12.98 15.25 -4.37
N TYR A 198 -13.03 16.47 -3.79
CA TYR A 198 -12.52 16.72 -2.42
C TYR A 198 -13.37 16.14 -1.26
N LYS A 199 -14.68 15.94 -1.47
CA LYS A 199 -15.59 15.38 -0.45
C LYS A 199 -15.21 13.98 0.04
N LYS A 200 -15.40 13.72 1.34
CA LYS A 200 -15.14 12.38 1.90
C LYS A 200 -16.42 11.57 2.22
N THR A 201 -16.23 10.30 2.60
CA THR A 201 -17.29 9.46 3.13
C THR A 201 -17.38 9.72 4.62
N THR A 202 -18.39 9.18 5.30
CA THR A 202 -18.44 9.32 6.77
C THR A 202 -17.16 8.74 7.37
N ASN A 203 -16.80 7.55 6.87
CA ASN A 203 -15.69 6.75 7.40
C ASN A 203 -14.27 7.30 7.08
N GLY A 204 -14.21 8.44 6.39
CA GLY A 204 -12.94 9.12 6.06
C GLY A 204 -12.28 8.90 4.70
N ARG A 205 -12.91 8.12 3.80
CA ARG A 205 -12.28 7.78 2.50
C ARG A 205 -12.77 8.62 1.31
N LEU A 206 -11.93 8.74 0.29
CA LEU A 206 -12.30 9.50 -0.90
C LEU A 206 -12.91 8.60 -2.01
N PRO A 207 -14.19 8.84 -2.39
CA PRO A 207 -14.85 8.08 -3.50
C PRO A 207 -14.14 8.12 -4.85
N VAL A 208 -13.40 9.20 -5.15
CA VAL A 208 -12.60 9.25 -6.37
C VAL A 208 -11.72 8.01 -6.55
N LYS A 209 -11.45 7.29 -5.45
CA LYS A 209 -10.54 6.16 -5.49
C LYS A 209 -11.14 4.85 -6.01
N TRP A 210 -12.45 4.81 -6.24
CA TRP A 210 -13.10 3.70 -6.96
C TRP A 210 -13.44 4.04 -8.43
N MET A 211 -13.11 5.27 -8.83
CA MET A 211 -13.52 5.76 -10.16
C MET A 211 -12.54 5.41 -11.26
N ALA A 212 -13.07 4.90 -12.36
CA ALA A 212 -12.25 4.72 -13.54
C ALA A 212 -11.70 6.05 -13.99
N PRO A 213 -10.48 6.05 -14.56
CA PRO A 213 -9.88 7.29 -15.07
C PRO A 213 -10.79 8.00 -16.06
N GLU A 214 -11.39 7.24 -16.99
CA GLU A 214 -12.24 7.92 -17.99
C GLU A 214 -13.47 8.58 -17.32
N ALA A 215 -13.99 7.99 -16.24
CA ALA A 215 -15.14 8.55 -15.51
C ALA A 215 -14.68 9.75 -14.71
N LEU A 216 -13.53 9.59 -14.10
CA LEU A 216 -12.89 10.64 -13.34
C LEU A 216 -12.47 11.83 -14.22
N PHE A 217 -11.72 11.59 -15.28
CA PHE A 217 -11.24 12.70 -16.10
C PHE A 217 -12.19 13.25 -17.17
N ASP A 218 -12.99 12.38 -17.79
CA ASP A 218 -13.80 12.76 -18.97
C ASP A 218 -15.28 12.53 -18.72
N ARG A 219 -15.60 12.08 -17.50
CA ARG A 219 -16.98 11.95 -17.05
C ARG A 219 -17.74 10.99 -17.96
N ILE A 220 -17.05 9.96 -18.42
CA ILE A 220 -17.65 8.89 -19.19
C ILE A 220 -17.92 7.72 -18.24
N TYR A 221 -19.20 7.51 -17.96
CA TYR A 221 -19.67 6.45 -17.09
C TYR A 221 -20.35 5.41 -17.96
N THR A 222 -19.84 4.18 -17.90
CA THR A 222 -20.31 3.05 -18.71
C THR A 222 -20.35 1.83 -17.77
N HIS A 223 -20.72 0.63 -18.29
CA HIS A 223 -20.51 -0.60 -17.51
C HIS A 223 -19.03 -0.92 -17.32
N GLN A 224 -18.23 -0.57 -18.33
CA GLN A 224 -16.77 -0.76 -18.28
C GLN A 224 -16.15 0.00 -17.11
N SER A 225 -16.67 1.20 -16.84
N SER A 225 -16.65 1.21 -16.84
CA SER A 225 -16.22 2.01 -15.72
CA SER A 225 -16.16 1.99 -15.70
C SER A 225 -16.64 1.40 -14.37
C SER A 225 -16.63 1.38 -14.37
N ASP A 226 -17.80 0.74 -14.36
CA ASP A 226 -18.29 -0.01 -13.17
C ASP A 226 -17.40 -1.25 -12.89
N VAL A 227 -16.82 -1.77 -13.97
CA VAL A 227 -15.97 -2.94 -13.89
C VAL A 227 -14.64 -2.50 -13.28
N TRP A 228 -14.12 -1.34 -13.70
CA TRP A 228 -13.03 -0.69 -12.96
C TRP A 228 -13.28 -0.61 -11.39
N SER A 229 -14.41 -0.06 -10.94
CA SER A 229 -14.86 -0.11 -9.53
C SER A 229 -14.95 -1.52 -8.89
N PHE A 230 -15.43 -2.50 -9.64
CA PHE A 230 -15.41 -3.88 -9.14
C PHE A 230 -13.99 -4.43 -8.89
N GLY A 231 -13.03 -4.07 -9.73
CA GLY A 231 -11.65 -4.32 -9.44
C GLY A 231 -11.25 -3.86 -8.05
N VAL A 232 -11.51 -2.59 -7.73
CA VAL A 232 -11.23 -2.02 -6.37
C VAL A 232 -12.04 -2.73 -5.23
N LEU A 233 -13.31 -3.00 -5.50
CA LEU A 233 -14.12 -3.89 -4.66
C LEU A 233 -13.47 -5.27 -4.44
N LEU A 234 -12.93 -5.89 -5.50
CA LEU A 234 -12.18 -7.15 -5.30
C LEU A 234 -10.99 -6.93 -4.36
N TRP A 235 -10.27 -5.83 -4.58
CA TRP A 235 -9.13 -5.48 -3.70
C TRP A 235 -9.63 -5.27 -2.26
N GLU A 236 -10.78 -4.64 -2.07
CA GLU A 236 -11.40 -4.51 -0.73
C GLU A 236 -11.79 -5.84 -0.08
N ILE A 237 -12.39 -6.76 -0.84
CA ILE A 237 -12.71 -8.05 -0.25
C ILE A 237 -11.44 -8.78 0.17
N PHE A 238 -10.41 -8.78 -0.69
CA PHE A 238 -9.23 -9.58 -0.40
C PHE A 238 -8.24 -8.98 0.59
N THR A 239 -8.40 -7.70 0.90
CA THR A 239 -7.69 -7.17 2.07
C THR A 239 -8.61 -7.04 3.28
N LEU A 240 -9.75 -7.74 3.25
CA LEU A 240 -10.69 -7.75 4.37
C LEU A 240 -11.10 -6.33 4.79
N GLY A 241 -11.52 -5.51 3.82
CA GLY A 241 -11.92 -4.13 4.09
C GLY A 241 -10.80 -3.12 4.23
N GLY A 242 -9.66 -3.44 3.62
CA GLY A 242 -8.55 -2.49 3.48
C GLY A 242 -9.01 -1.26 2.75
N SER A 243 -8.40 -0.12 3.09
CA SER A 243 -8.74 1.19 2.54
C SER A 243 -7.81 1.48 1.36
N PRO A 244 -8.37 1.81 0.18
CA PRO A 244 -7.53 2.03 -1.01
C PRO A 244 -6.69 3.30 -0.89
N TYR A 245 -5.40 3.19 -1.20
CA TYR A 245 -4.53 4.37 -1.27
C TYR A 245 -4.61 5.22 0.01
N PRO A 246 -4.37 4.61 1.18
CA PRO A 246 -4.49 5.38 2.39
C PRO A 246 -3.39 6.44 2.44
N GLY A 247 -3.76 7.66 2.84
CA GLY A 247 -2.87 8.82 2.89
C GLY A 247 -2.68 9.53 1.55
N VAL A 248 -3.29 9.05 0.47
CA VAL A 248 -3.15 9.70 -0.85
C VAL A 248 -4.27 10.71 -1.06
N PRO A 249 -3.93 11.99 -1.18
CA PRO A 249 -4.97 12.97 -1.46
C PRO A 249 -5.33 12.96 -2.95
N VAL A 250 -6.50 13.55 -3.27
CA VAL A 250 -7.02 13.59 -4.65
C VAL A 250 -6.00 14.02 -5.72
N GLU A 251 -5.24 15.08 -5.45
CA GLU A 251 -4.25 15.59 -6.40
C GLU A 251 -3.20 14.53 -6.71
N GLU A 252 -2.87 13.69 -5.73
CA GLU A 252 -1.77 12.74 -5.91
C GLU A 252 -2.32 11.50 -6.53
N LEU A 253 -3.59 11.20 -6.24
CA LEU A 253 -4.30 10.14 -6.91
C LEU A 253 -4.38 10.41 -8.45
N PHE A 254 -4.69 11.65 -8.86
CA PHE A 254 -4.73 12.02 -10.27
C PHE A 254 -3.44 11.57 -10.93
N LYS A 255 -2.31 11.93 -10.32
CA LYS A 255 -1.00 11.63 -10.82
C LYS A 255 -0.67 10.11 -10.83
N LEU A 256 -1.03 9.36 -9.78
CA LEU A 256 -0.89 7.89 -9.87
C LEU A 256 -1.69 7.29 -11.06
N LEU A 257 -2.94 7.70 -11.23
CA LEU A 257 -3.69 7.30 -12.43
C LEU A 257 -2.97 7.69 -13.75
N LYS A 258 -2.55 8.93 -13.87
CA LYS A 258 -1.88 9.33 -15.10
C LYS A 258 -0.64 8.46 -15.45
N GLU A 259 0.12 8.04 -14.44
CA GLU A 259 1.33 7.26 -14.65
C GLU A 259 1.03 5.77 -14.88
N GLY A 260 -0.24 5.40 -14.88
CA GLY A 260 -0.61 4.00 -14.93
C GLY A 260 -0.24 3.17 -13.71
N HIS A 261 -0.12 3.80 -12.54
CA HIS A 261 0.06 3.07 -11.28
C HIS A 261 -1.14 2.17 -10.97
N ARG A 262 -0.88 1.00 -10.37
CA ARG A 262 -1.91 0.02 -10.03
C ARG A 262 -1.59 -0.56 -8.65
N MET A 263 -2.62 -0.78 -7.83
CA MET A 263 -2.45 -1.24 -6.45
C MET A 263 -1.70 -2.56 -6.35
N ASP A 264 -1.06 -2.78 -5.19
CA ASP A 264 -0.26 -3.98 -4.94
C ASP A 264 -1.19 -5.16 -4.76
N LYS A 265 -0.68 -6.34 -4.94
CA LYS A 265 -1.41 -7.57 -4.70
C LYS A 265 -1.56 -7.83 -3.22
N PRO A 266 -2.76 -7.91 -2.67
CA PRO A 266 -2.96 -8.31 -1.26
C PRO A 266 -2.35 -9.68 -0.92
N SER A 267 -1.91 -9.84 0.33
CA SER A 267 -1.51 -11.13 0.81
C SER A 267 -2.76 -12.01 0.85
N ASN A 268 -2.59 -13.33 0.78
CA ASN A 268 -3.72 -14.28 0.72
C ASN A 268 -4.68 -13.97 -0.45
N CYS A 269 -4.06 -13.81 -1.60
CA CYS A 269 -4.78 -13.59 -2.84
C CYS A 269 -3.99 -14.39 -3.82
N THR A 270 -4.68 -15.15 -4.64
CA THR A 270 -4.01 -15.99 -5.61
C THR A 270 -3.56 -15.04 -6.70
N ASN A 271 -2.62 -15.48 -7.52
CA ASN A 271 -2.23 -14.69 -8.70
C ASN A 271 -3.37 -14.53 -9.69
N GLU A 272 -4.16 -15.60 -9.87
CA GLU A 272 -5.32 -15.58 -10.79
C GLU A 272 -6.31 -14.47 -10.38
N LEU A 273 -6.60 -14.37 -9.09
CA LEU A 273 -7.50 -13.31 -8.64
C LEU A 273 -6.88 -11.93 -8.77
N TYR A 274 -5.57 -11.83 -8.65
CA TYR A 274 -4.92 -10.52 -8.81
C TYR A 274 -4.88 -10.06 -10.29
N MET A 275 -4.73 -11.02 -11.20
CA MET A 275 -4.85 -10.76 -12.61
C MET A 275 -6.29 -10.36 -12.95
N MET A 276 -7.27 -10.96 -12.29
CA MET A 276 -8.63 -10.44 -12.40
C MET A 276 -8.76 -8.92 -12.01
N MET A 277 -8.20 -8.55 -10.87
CA MET A 277 -8.18 -7.16 -10.46
C MET A 277 -7.52 -6.30 -11.54
N ARG A 278 -6.36 -6.74 -12.01
CA ARG A 278 -5.58 -5.95 -12.96
C ARG A 278 -6.33 -5.78 -14.28
N ASP A 279 -6.93 -6.87 -14.74
CA ASP A 279 -7.79 -6.86 -15.92
C ASP A 279 -8.94 -5.85 -15.80
N CYS A 280 -9.60 -5.83 -14.65
CA CYS A 280 -10.67 -4.89 -14.40
C CYS A 280 -10.11 -3.48 -14.50
N TRP A 281 -8.84 -3.31 -14.14
CA TRP A 281 -8.16 -2.00 -14.20
C TRP A 281 -7.41 -1.71 -15.49
N HIS A 282 -7.74 -2.42 -16.57
CA HIS A 282 -7.16 -2.16 -17.90
C HIS A 282 -7.35 -0.68 -18.27
N ALA A 283 -6.28 -0.04 -18.74
CA ALA A 283 -6.34 1.36 -19.18
C ALA A 283 -7.37 1.55 -20.28
N VAL A 284 -7.53 0.54 -21.13
CA VAL A 284 -8.46 0.66 -22.23
C VAL A 284 -9.79 0.03 -21.85
N PRO A 285 -10.87 0.87 -21.77
CA PRO A 285 -12.15 0.32 -21.26
C PRO A 285 -12.69 -0.88 -22.04
N SER A 286 -12.53 -0.87 -23.37
CA SER A 286 -13.01 -2.00 -24.19
C SER A 286 -12.29 -3.34 -23.86
N GLN A 287 -11.11 -3.26 -23.27
CA GLN A 287 -10.31 -4.44 -22.95
C GLN A 287 -10.57 -5.09 -21.57
N ARG A 288 -11.33 -4.41 -20.73
CA ARG A 288 -11.72 -4.94 -19.43
C ARG A 288 -12.66 -6.15 -19.64
N PRO A 289 -12.66 -7.11 -18.70
CA PRO A 289 -13.77 -8.08 -18.78
C PRO A 289 -15.14 -7.44 -18.50
N THR A 290 -16.19 -8.07 -18.98
CA THR A 290 -17.54 -7.67 -18.66
C THR A 290 -17.99 -8.31 -17.36
N PHE A 291 -19.10 -7.84 -16.79
CA PHE A 291 -19.65 -8.51 -15.61
C PHE A 291 -20.04 -9.96 -15.91
N LYS A 292 -20.42 -10.20 -17.15
CA LYS A 292 -20.84 -11.53 -17.55
C LYS A 292 -19.64 -12.46 -17.49
N GLN A 293 -18.52 -12.05 -18.09
CA GLN A 293 -17.27 -12.80 -18.00
C GLN A 293 -16.77 -13.01 -16.55
N LEU A 294 -16.90 -11.99 -15.71
CA LEU A 294 -16.46 -12.09 -14.31
C LEU A 294 -17.28 -13.12 -13.51
N VAL A 295 -18.58 -13.15 -13.75
CA VAL A 295 -19.48 -14.13 -13.19
C VAL A 295 -19.13 -15.58 -13.60
N GLU A 296 -18.84 -15.80 -14.89
CA GLU A 296 -18.34 -17.09 -15.35
C GLU A 296 -17.02 -17.47 -14.68
N ASP A 297 -16.08 -16.52 -14.62
CA ASP A 297 -14.74 -16.78 -14.07
C ASP A 297 -14.82 -17.12 -12.58
N LEU A 298 -15.51 -16.27 -11.83
CA LEU A 298 -15.67 -16.45 -10.38
C LEU A 298 -16.37 -17.78 -10.04
N ASP A 299 -17.41 -18.08 -10.81
CA ASP A 299 -18.13 -19.33 -10.67
C ASP A 299 -17.17 -20.51 -10.71
N ARG A 300 -16.27 -20.49 -11.69
CA ARG A 300 -15.25 -21.50 -11.81
C ARG A 300 -14.26 -21.49 -10.63
N ILE A 301 -13.83 -20.30 -10.23
CA ILE A 301 -12.80 -20.21 -9.22
C ILE A 301 -13.36 -20.66 -7.86
N VAL A 302 -14.51 -20.10 -7.46
CA VAL A 302 -15.22 -20.55 -6.24
C VAL A 302 -15.16 -22.09 -6.12
N ALA A 303 -15.66 -22.79 -7.14
CA ALA A 303 -15.72 -24.28 -7.15
C ALA A 303 -14.37 -24.93 -6.91
N LEU A 304 -13.29 -24.27 -7.36
CA LEU A 304 -11.93 -24.76 -7.17
C LEU A 304 -11.25 -24.19 -5.91
N THR A 305 -11.88 -23.24 -5.22
CA THR A 305 -11.26 -22.63 -4.05
C THR A 305 -11.58 -23.43 -2.80
N SER A 306 -10.53 -23.96 -2.18
CA SER A 306 -10.67 -24.68 -0.93
C SER A 306 -11.25 -23.78 0.16
N ASN A 307 -12.10 -24.36 1.00
CA ASN A 307 -12.67 -23.69 2.17
C ASN A 307 -11.97 -24.10 3.48
N GLN A 308 -10.95 -24.95 3.34
CA GLN A 308 -10.23 -25.53 4.50
C GLN A 308 -9.33 -24.50 5.19
N GLU A 309 -9.21 -23.32 4.57
CA GLU A 309 -8.38 -22.24 5.09
C GLU A 309 -8.95 -20.90 4.60
N GLY B 3 40.75 28.02 9.14
CA GLY B 3 40.97 26.58 8.83
C GLY B 3 42.45 26.26 8.56
N VAL B 4 42.88 25.04 8.90
CA VAL B 4 44.26 24.60 8.63
C VAL B 4 44.33 23.65 7.43
N SER B 5 43.29 22.82 7.32
CA SER B 5 43.02 21.99 6.13
C SER B 5 42.91 22.78 4.81
N GLU B 6 42.88 24.11 4.94
CA GLU B 6 42.73 25.01 3.79
C GLU B 6 43.90 24.85 2.86
N TYR B 7 45.07 24.63 3.46
CA TYR B 7 46.30 24.61 2.71
C TYR B 7 46.97 23.25 2.72
N GLU B 8 46.85 22.52 3.83
CA GLU B 8 47.36 21.14 3.89
C GLU B 8 46.54 20.21 4.81
N LEU B 9 46.32 18.99 4.35
CA LEU B 9 45.77 17.94 5.20
C LEU B 9 46.88 17.21 5.97
N PRO B 10 46.54 16.64 7.15
CA PRO B 10 47.49 15.78 7.88
C PRO B 10 47.76 14.48 7.17
N GLU B 11 48.98 13.99 7.31
CA GLU B 11 49.35 12.68 6.82
C GLU B 11 48.83 11.57 7.72
N ASP B 12 48.51 10.44 7.12
CA ASP B 12 48.38 9.22 7.84
C ASP B 12 49.00 8.19 6.91
N PRO B 13 50.30 7.88 7.11
CA PRO B 13 51.06 6.91 6.33
C PRO B 13 50.40 5.54 6.30
N ARG B 14 49.69 5.18 7.35
CA ARG B 14 48.95 3.92 7.38
C ARG B 14 48.05 3.73 6.14
N TRP B 15 47.48 4.83 5.64
CA TRP B 15 46.41 4.77 4.63
C TRP B 15 46.73 5.42 3.28
N GLU B 16 47.81 6.20 3.23
CA GLU B 16 48.12 7.05 2.08
C GLU B 16 48.54 6.20 0.89
N LEU B 17 47.80 6.31 -0.21
CA LEU B 17 48.15 5.70 -1.47
C LEU B 17 48.77 6.75 -2.38
N PRO B 18 50.01 6.52 -2.87
CA PRO B 18 50.58 7.46 -3.87
C PRO B 18 49.63 7.66 -5.06
N ARG B 19 49.62 8.87 -5.61
CA ARG B 19 48.70 9.27 -6.68
C ARG B 19 48.95 8.60 -8.05
N ASP B 20 50.17 8.12 -8.31
CA ASP B 20 50.48 7.50 -9.60
C ASP B 20 49.95 6.07 -9.67
N ARG B 21 49.61 5.55 -8.51
CA ARG B 21 49.05 4.22 -8.38
C ARG B 21 47.52 4.23 -8.46
N LEU B 22 46.90 5.42 -8.60
CA LEU B 22 45.47 5.56 -8.89
C LEU B 22 45.20 6.20 -10.25
N VAL B 23 44.31 5.59 -11.03
CA VAL B 23 43.84 6.17 -12.29
C VAL B 23 42.34 6.28 -12.22
N LEU B 24 41.84 7.52 -12.26
CA LEU B 24 40.41 7.80 -12.18
C LEU B 24 39.65 7.49 -13.47
N GLY B 25 38.42 6.99 -13.31
CA GLY B 25 37.59 6.55 -14.42
C GLY B 25 36.25 7.25 -14.44
N LYS B 26 35.23 6.59 -15.00
CA LYS B 26 33.92 7.18 -15.24
C LYS B 26 33.18 7.38 -13.91
N PRO B 27 32.28 8.38 -13.85
CA PRO B 27 31.60 8.60 -12.58
C PRO B 27 30.59 7.51 -12.25
N LEU B 28 30.48 7.20 -10.97
CA LEU B 28 29.52 6.25 -10.46
C LEU B 28 28.22 6.95 -10.04
N GLY B 29 28.37 8.13 -9.44
CA GLY B 29 27.24 8.88 -8.91
C GLY B 29 27.72 10.21 -8.34
N GLU B 30 26.80 10.98 -7.74
CA GLU B 30 27.18 12.24 -7.10
C GLU B 30 26.12 12.83 -6.19
N GLY B 31 26.46 13.99 -5.61
CA GLY B 31 25.64 14.72 -4.64
C GLY B 31 25.84 16.19 -4.88
N ALA B 32 25.32 17.06 -4.01
CA ALA B 32 25.49 18.53 -4.20
C ALA B 32 26.94 19.03 -4.28
N PHE B 33 27.81 18.54 -3.39
CA PHE B 33 29.20 19.02 -3.35
C PHE B 33 30.28 17.93 -3.37
N GLY B 34 29.87 16.67 -3.51
CA GLY B 34 30.79 15.53 -3.52
C GLY B 34 30.50 14.71 -4.77
N GLN B 35 31.33 13.69 -5.02
CA GLN B 35 31.11 12.78 -6.13
C GLN B 35 31.87 11.45 -5.94
N VAL B 36 31.44 10.41 -6.65
CA VAL B 36 32.10 9.11 -6.60
C VAL B 36 32.40 8.66 -8.02
N VAL B 37 33.62 8.22 -8.26
CA VAL B 37 34.04 7.76 -9.58
C VAL B 37 34.65 6.34 -9.47
N LEU B 38 34.50 5.56 -10.53
CA LEU B 38 35.28 4.35 -10.65
C LEU B 38 36.77 4.73 -10.81
N ALA B 39 37.64 4.09 -10.04
CA ALA B 39 39.07 4.20 -10.34
C ALA B 39 39.76 2.84 -10.38
N GLU B 40 41.00 2.82 -10.86
CA GLU B 40 41.83 1.64 -10.74
C GLU B 40 42.99 1.90 -9.80
N ALA B 41 43.09 1.13 -8.72
CA ALA B 41 44.19 1.28 -7.78
C ALA B 41 45.26 0.18 -7.90
N ILE B 42 46.51 0.61 -8.08
CA ILE B 42 47.64 -0.33 -8.20
C ILE B 42 48.37 -0.53 -6.86
N GLY B 43 48.33 -1.75 -6.35
CA GLY B 43 49.02 -2.11 -5.11
C GLY B 43 48.51 -1.49 -3.82
N LEU B 44 47.28 -1.84 -3.45
CA LEU B 44 46.69 -1.38 -2.21
C LEU B 44 47.39 -2.08 -1.06
N ASP B 45 47.68 -3.37 -1.30
CA ASP B 45 48.15 -4.33 -0.31
C ASP B 45 49.52 -4.86 -0.70
N LYS B 46 49.93 -5.96 -0.05
CA LYS B 46 51.15 -6.70 -0.42
C LYS B 46 51.08 -8.17 0.03
N PRO B 49 50.46 -6.22 -4.44
CA PRO B 49 51.64 -5.37 -4.63
C PRO B 49 51.63 -4.66 -6.00
N ASN B 50 51.44 -5.43 -7.07
CA ASN B 50 51.27 -4.87 -8.42
C ASN B 50 49.98 -5.42 -9.03
N ARG B 51 49.09 -5.85 -8.10
CA ARG B 51 47.70 -6.17 -8.39
C ARG B 51 46.92 -4.88 -8.73
N VAL B 52 46.01 -5.01 -9.69
CA VAL B 52 45.13 -3.93 -10.09
C VAL B 52 43.74 -4.23 -9.56
N THR B 53 43.18 -3.27 -8.86
CA THR B 53 41.91 -3.41 -8.18
C THR B 53 40.95 -2.32 -8.65
N LYS B 54 39.83 -2.71 -9.25
CA LYS B 54 38.70 -1.80 -9.40
C LYS B 54 38.24 -1.25 -8.02
N VAL B 55 38.12 0.08 -7.92
CA VAL B 55 37.72 0.75 -6.67
C VAL B 55 36.81 1.98 -6.90
N ALA B 56 36.10 2.43 -5.87
CA ALA B 56 35.36 3.70 -5.93
C ALA B 56 36.10 4.78 -5.17
N VAL B 57 36.09 5.99 -5.71
CA VAL B 57 36.87 7.05 -5.15
C VAL B 57 35.95 8.24 -4.95
N LYS B 58 35.84 8.66 -3.69
CA LYS B 58 34.98 9.78 -3.33
C LYS B 58 35.82 11.06 -3.16
N MET B 59 35.34 12.12 -3.74
CA MET B 59 36.10 13.36 -3.78
C MET B 59 35.08 14.50 -3.77
N LEU B 60 35.58 15.71 -3.60
CA LEU B 60 34.77 16.92 -3.66
C LEU B 60 34.50 17.32 -5.10
N LYS B 61 33.46 18.12 -5.34
CA LYS B 61 33.26 18.73 -6.62
C LYS B 61 33.91 20.11 -6.57
N SER B 62 34.09 20.72 -7.74
CA SER B 62 34.82 21.95 -7.86
C SER B 62 34.09 23.09 -7.22
N ASP B 63 32.90 22.84 -6.69
CA ASP B 63 32.21 23.92 -5.94
C ASP B 63 32.13 23.66 -4.44
N ALA B 64 32.96 22.78 -3.91
CA ALA B 64 32.88 22.46 -2.49
C ALA B 64 33.52 23.55 -1.69
N THR B 65 33.06 23.72 -0.46
CA THR B 65 33.60 24.71 0.48
C THR B 65 34.46 23.99 1.51
N GLU B 66 35.04 24.77 2.42
CA GLU B 66 35.84 24.23 3.53
C GLU B 66 35.05 23.22 4.35
N LYS B 67 33.78 23.54 4.66
CA LYS B 67 32.89 22.65 5.35
C LYS B 67 32.65 21.35 4.59
N ASP B 68 32.52 21.36 3.28
CA ASP B 68 32.39 20.07 2.55
C ASP B 68 33.66 19.24 2.68
N LEU B 69 34.81 19.92 2.67
CA LEU B 69 36.07 19.22 2.93
C LEU B 69 36.06 18.58 4.34
N SER B 70 35.63 19.36 5.31
CA SER B 70 35.58 18.91 6.68
C SER B 70 34.69 17.64 6.85
N ASP B 71 33.55 17.61 6.14
CA ASP B 71 32.67 16.44 6.13
C ASP B 71 33.25 15.19 5.49
N LEU B 72 33.86 15.35 4.31
CA LEU B 72 34.50 14.21 3.65
C LEU B 72 35.61 13.63 4.53
N ILE B 73 36.40 14.48 5.20
CA ILE B 73 37.48 14.02 6.08
C ILE B 73 36.89 13.29 7.27
N SER B 74 35.88 13.89 7.86
CA SER B 74 35.21 13.28 8.98
C SER B 74 34.69 11.88 8.62
N GLU B 75 34.10 11.72 7.43
CA GLU B 75 33.63 10.39 6.94
C GLU B 75 34.77 9.39 6.80
N MET B 76 35.85 9.81 6.14
CA MET B 76 37.07 9.01 6.07
C MET B 76 37.53 8.58 7.48
N GLU B 77 37.60 9.52 8.43
CA GLU B 77 38.07 9.21 9.75
C GLU B 77 37.12 8.29 10.49
N MET B 78 35.80 8.51 10.31
CA MET B 78 34.77 7.65 10.89
C MET B 78 35.01 6.21 10.42
N MET B 79 35.26 6.01 9.13
CA MET B 79 35.61 4.69 8.57
C MET B 79 36.85 4.04 9.21
N LYS B 80 37.89 4.83 9.45
CA LYS B 80 39.06 4.27 10.17
C LYS B 80 38.70 3.71 11.56
N MET B 81 37.87 4.47 12.26
CA MET B 81 37.53 4.18 13.66
C MET B 81 36.65 2.93 13.76
N ILE B 82 35.78 2.74 12.76
CA ILE B 82 34.76 1.70 12.72
C ILE B 82 35.34 0.31 12.39
N GLY B 83 36.37 0.26 11.56
CA GLY B 83 37.04 -1.01 11.22
C GLY B 83 36.38 -1.75 10.05
N LYS B 84 36.99 -2.86 9.65
CA LYS B 84 36.54 -3.65 8.50
C LYS B 84 35.39 -4.60 8.86
N HIS B 85 34.43 -4.73 7.95
CA HIS B 85 33.43 -5.81 8.00
C HIS B 85 32.96 -6.06 6.59
N LYS B 86 32.74 -7.33 6.29
CA LYS B 86 32.39 -7.81 4.96
C LYS B 86 31.11 -7.18 4.44
N ASN B 87 30.17 -6.88 5.34
CA ASN B 87 28.89 -6.31 4.91
C ASN B 87 28.74 -4.81 5.08
N ILE B 88 29.89 -4.11 5.04
CA ILE B 88 29.88 -2.64 4.96
C ILE B 88 30.83 -2.27 3.83
N ILE B 89 30.63 -1.11 3.23
CA ILE B 89 31.62 -0.54 2.30
C ILE B 89 32.87 -0.20 3.13
N ASN B 90 33.99 -0.86 2.82
CA ASN B 90 35.25 -0.63 3.55
C ASN B 90 36.16 0.42 2.93
N LEU B 91 36.94 1.10 3.78
CA LEU B 91 37.96 2.07 3.34
C LEU B 91 39.17 1.30 2.89
N LEU B 92 39.77 1.67 1.75
CA LEU B 92 40.93 0.96 1.21
C LEU B 92 42.18 1.81 1.16
N GLY B 93 42.02 3.12 1.15
CA GLY B 93 43.17 4.01 1.02
C GLY B 93 42.72 5.43 0.86
N ALA B 94 43.70 6.32 0.82
CA ALA B 94 43.44 7.73 0.59
C ALA B 94 44.62 8.46 -0.01
N CYS B 95 44.33 9.42 -0.89
CA CYS B 95 45.31 10.41 -1.33
C CYS B 95 44.91 11.70 -0.65
N THR B 96 45.68 12.11 0.34
CA THR B 96 45.34 13.29 1.14
C THR B 96 46.32 14.42 0.93
N GLN B 97 47.53 14.09 0.47
CA GLN B 97 48.61 15.10 0.30
C GLN B 97 48.77 15.52 -1.14
N ASP B 98 49.10 16.81 -1.33
CA ASP B 98 49.43 17.40 -2.61
C ASP B 98 48.39 17.26 -3.73
N GLY B 99 47.14 17.57 -3.43
CA GLY B 99 46.11 17.60 -4.47
C GLY B 99 44.79 17.31 -3.85
N PRO B 100 43.73 17.17 -4.65
CA PRO B 100 42.40 16.93 -4.08
C PRO B 100 42.32 15.66 -3.21
N LEU B 101 41.52 15.74 -2.14
CA LEU B 101 41.30 14.57 -1.28
C LEU B 101 40.53 13.49 -2.01
N TYR B 102 41.13 12.31 -2.05
CA TYR B 102 40.52 11.12 -2.60
C TYR B 102 40.40 10.05 -1.53
N VAL B 103 39.19 9.58 -1.28
CA VAL B 103 38.90 8.58 -0.24
C VAL B 103 38.56 7.36 -1.04
N ILE B 104 39.42 6.36 -0.95
CA ILE B 104 39.31 5.15 -1.75
C ILE B 104 38.56 4.09 -0.95
N VAL B 105 37.46 3.62 -1.53
CA VAL B 105 36.56 2.71 -0.88
C VAL B 105 36.19 1.59 -1.84
N GLU B 106 35.65 0.51 -1.28
CA GLU B 106 35.28 -0.67 -2.03
C GLU B 106 34.26 -0.36 -3.12
N TYR B 107 34.47 -0.95 -4.29
CA TYR B 107 33.52 -0.82 -5.41
C TYR B 107 32.51 -1.95 -5.45
N ALA B 108 31.23 -1.60 -5.47
CA ALA B 108 30.18 -2.60 -5.61
C ALA B 108 29.53 -2.44 -7.00
N SER B 109 29.78 -3.42 -7.87
CA SER B 109 29.52 -3.28 -9.28
C SER B 109 28.06 -3.42 -9.66
N LYS B 110 27.22 -3.81 -8.72
CA LYS B 110 25.80 -4.07 -9.01
C LYS B 110 24.89 -2.92 -8.55
N GLY B 111 25.49 -1.81 -8.15
CA GLY B 111 24.75 -0.66 -7.67
C GLY B 111 24.00 -0.96 -6.39
N ASN B 112 22.86 -0.31 -6.19
CA ASN B 112 22.21 -0.42 -4.92
C ASN B 112 21.13 -1.47 -4.90
N LEU B 113 20.75 -1.87 -3.69
CA LEU B 113 19.78 -2.94 -3.47
C LEU B 113 18.43 -2.75 -4.18
N ARG B 114 17.89 -1.53 -4.15
CA ARG B 114 16.63 -1.23 -4.83
C ARG B 114 16.69 -1.66 -6.26
N GLU B 115 17.67 -1.14 -7.01
CA GLU B 115 17.81 -1.44 -8.43
C GLU B 115 18.02 -2.92 -8.62
N TYR B 116 18.92 -3.48 -7.82
CA TYR B 116 19.25 -4.90 -7.89
C TYR B 116 17.99 -5.73 -7.72
N LEU B 117 17.19 -5.37 -6.71
CA LEU B 117 15.86 -5.94 -6.55
C LEU B 117 14.99 -5.71 -7.78
N GLN B 118 14.96 -4.46 -8.23
CA GLN B 118 14.05 -4.06 -9.30
C GLN B 118 14.38 -4.69 -10.60
N ALA B 119 15.66 -4.89 -10.88
CA ALA B 119 16.06 -5.52 -12.15
C ALA B 119 15.82 -7.02 -12.17
N ARG B 120 15.64 -7.65 -11.01
CA ARG B 120 15.54 -9.12 -10.93
C ARG B 120 14.16 -9.67 -10.63
N ARG B 121 13.12 -8.92 -10.98
CA ARG B 121 11.74 -9.44 -10.86
C ARG B 121 11.38 -10.49 -11.96
N PRO B 122 10.84 -11.65 -11.53
CA PRO B 122 10.20 -12.69 -12.35
C PRO B 122 9.18 -12.16 -13.37
N PRO B 123 8.81 -12.98 -14.37
CA PRO B 123 7.80 -12.51 -15.33
C PRO B 123 6.37 -12.94 -14.96
N GLY B 124 6.19 -13.49 -13.76
CA GLY B 124 4.85 -13.68 -13.18
C GLY B 124 4.58 -12.51 -12.23
N LEU B 125 5.43 -12.36 -11.23
CA LEU B 125 5.33 -11.30 -10.25
C LEU B 125 5.75 -9.93 -10.83
N GLU B 126 5.65 -9.77 -12.14
CA GLU B 126 5.78 -8.45 -12.75
C GLU B 126 4.73 -8.29 -13.82
N TYR B 127 3.98 -7.19 -13.71
CA TYR B 127 2.85 -6.90 -14.60
C TYR B 127 3.05 -5.63 -15.43
N SER B 128 4.19 -4.96 -15.20
CA SER B 128 4.68 -3.83 -16.00
C SER B 128 5.87 -4.24 -16.85
N TYR B 129 6.13 -3.46 -17.91
CA TYR B 129 7.36 -3.61 -18.71
C TYR B 129 8.50 -2.74 -18.17
N HIS B 133 16.63 -5.19 -16.64
CA HIS B 133 15.86 -6.29 -16.06
C HIS B 133 16.50 -7.65 -16.36
N ASN B 134 17.16 -8.21 -15.33
CA ASN B 134 18.05 -9.37 -15.48
C ASN B 134 17.34 -10.74 -15.57
N PRO B 135 17.27 -11.33 -16.78
CA PRO B 135 16.66 -12.66 -16.94
C PRO B 135 17.59 -13.82 -16.54
N GLU B 136 18.87 -13.49 -16.32
CA GLU B 136 19.91 -14.48 -16.01
C GLU B 136 20.24 -14.49 -14.52
N GLU B 137 19.64 -13.58 -13.77
CA GLU B 137 19.63 -13.64 -12.31
C GLU B 137 18.18 -13.55 -11.83
N GLN B 138 17.84 -14.41 -10.86
CA GLN B 138 16.49 -14.54 -10.33
C GLN B 138 16.56 -15.03 -8.89
N LEU B 139 15.96 -14.27 -7.99
CA LEU B 139 16.14 -14.48 -6.56
C LEU B 139 15.10 -15.43 -6.02
N SER B 140 15.55 -16.53 -5.43
CA SER B 140 14.66 -17.38 -4.66
C SER B 140 14.37 -16.71 -3.32
N SER B 141 13.29 -17.10 -2.65
CA SER B 141 12.94 -16.61 -1.31
C SER B 141 14.08 -16.71 -0.30
N LYS B 142 15.00 -17.65 -0.49
CA LYS B 142 16.15 -17.76 0.38
C LYS B 142 17.14 -16.62 0.12
N ASP B 143 17.36 -16.32 -1.17
CA ASP B 143 18.20 -15.17 -1.58
C ASP B 143 17.63 -13.86 -1.01
N LEU B 144 16.31 -13.72 -0.98
CA LEU B 144 15.72 -12.51 -0.38
C LEU B 144 15.99 -12.46 1.13
N VAL B 145 15.85 -13.62 1.80
CA VAL B 145 16.10 -13.75 3.24
C VAL B 145 17.58 -13.53 3.55
N SER B 146 18.42 -14.01 2.64
CA SER B 146 19.86 -13.81 2.74
C SER B 146 20.31 -12.34 2.69
N CYS B 147 19.69 -11.54 1.81
CA CYS B 147 19.97 -10.10 1.74
C CYS B 147 19.65 -9.42 3.07
N ALA B 148 18.48 -9.70 3.63
CA ALA B 148 18.09 -9.12 4.94
C ALA B 148 19.04 -9.53 6.08
N TYR B 149 19.49 -10.78 6.08
CA TYR B 149 20.48 -11.24 7.06
C TYR B 149 21.80 -10.50 6.89
N GLN B 150 22.28 -10.44 5.65
CA GLN B 150 23.53 -9.78 5.27
C GLN B 150 23.51 -8.30 5.67
N VAL B 151 22.37 -7.65 5.42
CA VAL B 151 22.18 -6.27 5.86
C VAL B 151 22.13 -6.15 7.38
N ALA B 152 21.34 -6.99 8.06
CA ALA B 152 21.27 -6.96 9.51
C ALA B 152 22.63 -7.21 10.14
N ARG B 153 23.46 -8.01 9.46
CA ARG B 153 24.82 -8.34 9.92
C ARG B 153 25.68 -7.09 9.95
N GLY B 154 25.59 -6.30 8.88
CA GLY B 154 26.45 -5.14 8.74
C GLY B 154 25.99 -4.08 9.70
N MET B 155 24.67 -4.01 9.89
CA MET B 155 24.08 -3.12 10.87
C MET B 155 24.40 -3.54 12.30
N GLU B 156 24.63 -4.83 12.52
CA GLU B 156 24.98 -5.29 13.85
C GLU B 156 26.43 -4.84 14.12
N TYR B 157 27.26 -4.95 13.07
CA TYR B 157 28.67 -4.56 13.20
C TYR B 157 28.83 -3.05 13.45
N LEU B 158 28.22 -2.26 12.61
CA LEU B 158 28.17 -0.81 12.77
C LEU B 158 27.69 -0.43 14.17
N ALA B 159 26.52 -0.95 14.56
CA ALA B 159 25.96 -0.77 15.90
C ALA B 159 26.95 -1.09 17.04
N SER B 160 27.66 -2.22 16.97
CA SER B 160 28.68 -2.53 18.00
C SER B 160 29.81 -1.49 17.97
N LYS B 161 29.92 -0.76 16.87
CA LYS B 161 30.95 0.28 16.74
C LYS B 161 30.40 1.67 16.98
N LYS B 162 29.26 1.79 17.68
CA LYS B 162 28.68 3.11 18.02
C LYS B 162 28.15 3.88 16.81
N CYS B 163 27.87 3.19 15.71
CA CYS B 163 27.47 3.87 14.51
C CYS B 163 25.95 3.81 14.31
N ILE B 164 25.32 4.98 14.25
CA ILE B 164 23.91 5.12 13.89
C ILE B 164 23.87 5.58 12.46
N HIS B 165 23.14 4.85 11.61
CA HIS B 165 23.17 5.13 10.18
C HIS B 165 22.34 6.36 9.89
N ARG B 166 21.08 6.36 10.37
CA ARG B 166 20.10 7.47 10.21
C ARG B 166 19.32 7.50 8.89
N ASP B 167 19.88 6.92 7.82
CA ASP B 167 19.15 6.83 6.55
C ASP B 167 19.31 5.41 5.97
N LEU B 168 19.03 4.41 6.81
CA LEU B 168 19.16 3.04 6.37
C LEU B 168 17.96 2.76 5.48
N ALA B 169 18.25 2.41 4.23
CA ALA B 169 17.26 2.15 3.17
C ALA B 169 17.96 1.32 2.11
N ALA B 170 17.19 0.68 1.25
CA ALA B 170 17.76 -0.14 0.19
C ALA B 170 18.72 0.65 -0.71
N ARG B 171 18.48 1.94 -0.87
CA ARG B 171 19.29 2.74 -1.80
C ARG B 171 20.70 2.86 -1.25
N ASN B 172 20.85 2.59 0.05
CA ASN B 172 22.11 2.75 0.75
C ASN B 172 22.76 1.43 1.09
N VAL B 173 22.24 0.36 0.49
CA VAL B 173 22.90 -0.94 0.50
C VAL B 173 23.42 -1.20 -0.91
N LEU B 174 24.71 -1.46 -1.02
CA LEU B 174 25.30 -1.71 -2.32
C LEU B 174 25.52 -3.23 -2.46
N VAL B 175 25.60 -3.71 -3.69
CA VAL B 175 25.73 -5.13 -3.96
C VAL B 175 26.97 -5.32 -4.83
N THR B 176 27.89 -6.17 -4.38
CA THR B 176 29.14 -6.47 -5.11
C THR B 176 28.94 -7.49 -6.25
N GLU B 177 30.00 -7.70 -7.05
CA GLU B 177 29.94 -8.61 -8.21
C GLU B 177 29.50 -10.01 -7.81
N ASP B 178 29.87 -10.44 -6.59
CA ASP B 178 29.52 -11.77 -6.05
C ASP B 178 28.30 -11.71 -5.12
N ASN B 179 27.45 -10.69 -5.28
CA ASN B 179 26.15 -10.64 -4.59
C ASN B 179 26.21 -10.48 -3.07
N VAL B 180 27.32 -9.96 -2.56
CA VAL B 180 27.45 -9.64 -1.14
C VAL B 180 26.84 -8.25 -0.90
N MET B 181 26.00 -8.14 0.13
CA MET B 181 25.43 -6.87 0.58
C MET B 181 26.42 -6.03 1.42
N LYS B 182 26.43 -4.72 1.19
CA LYS B 182 27.40 -3.82 1.78
C LYS B 182 26.76 -2.46 2.04
N ILE B 183 26.65 -2.09 3.30
CA ILE B 183 26.08 -0.82 3.68
C ILE B 183 27.05 0.32 3.36
N ALA B 184 26.48 1.34 2.73
CA ALA B 184 27.18 2.55 2.37
C ALA B 184 26.58 3.73 3.15
N ASP B 185 27.32 4.85 3.23
CA ASP B 185 26.88 6.11 3.86
C ASP B 185 26.63 6.06 5.32
N PHE B 186 27.23 5.08 6.00
CA PHE B 186 27.17 5.05 7.45
C PHE B 186 28.07 6.11 8.10
N GLY B 187 29.03 6.63 7.34
CA GLY B 187 30.08 7.46 7.89
C GLY B 187 29.83 8.94 7.69
N LEU B 188 28.68 9.26 7.14
CA LEU B 188 28.36 10.61 6.70
C LEU B 188 28.24 11.56 7.87
N ALA B 189 28.72 12.77 7.64
CA ALA B 189 28.71 13.78 8.67
C ALA B 189 27.27 14.27 8.74
N ARG B 190 26.56 13.89 9.79
CA ARG B 190 25.15 14.26 9.86
C ARG B 190 24.90 15.40 10.85
N HIS B 194 15.22 18.91 11.28
CA HIS B 194 16.31 19.69 10.70
C HIS B 194 16.43 19.33 9.23
N ILE B 195 16.70 18.06 8.94
CA ILE B 195 16.74 17.60 7.55
C ILE B 195 15.48 18.16 6.87
N ASP B 196 15.59 18.49 5.58
CA ASP B 196 14.46 18.99 4.85
C ASP B 196 13.53 17.80 4.60
N TYR B 197 12.38 17.77 5.29
CA TYR B 197 11.38 16.71 5.08
C TYR B 197 10.85 16.59 3.64
N TYR B 198 10.72 17.70 2.93
CA TYR B 198 10.14 17.66 1.58
C TYR B 198 11.14 17.39 0.45
N LYS B 199 12.41 17.19 0.80
CA LYS B 199 13.44 16.90 -0.20
C LYS B 199 13.41 15.43 -0.60
N LYS B 200 13.43 15.19 -1.92
CA LYS B 200 13.30 13.86 -2.49
C LYS B 200 14.63 13.28 -2.95
N THR B 201 14.67 11.96 -3.12
CA THR B 201 15.82 11.28 -3.72
C THR B 201 15.78 11.44 -5.25
N THR B 202 16.93 11.19 -5.88
CA THR B 202 17.05 11.03 -7.34
C THR B 202 15.80 10.43 -7.95
N ASN B 203 15.41 9.30 -7.36
CA ASN B 203 14.39 8.41 -7.90
C ASN B 203 12.98 8.87 -7.54
N GLY B 204 12.89 9.98 -6.80
CA GLY B 204 11.59 10.63 -6.58
C GLY B 204 10.81 10.21 -5.34
N ARG B 205 11.45 9.53 -4.41
CA ARG B 205 10.82 9.12 -3.16
C ARG B 205 11.30 9.98 -1.98
N LEU B 206 10.54 9.95 -0.88
CA LEU B 206 10.80 10.74 0.34
C LEU B 206 11.42 9.94 1.51
N PRO B 207 12.67 10.24 1.88
CA PRO B 207 13.34 9.53 2.97
C PRO B 207 12.61 9.50 4.30
N VAL B 208 11.64 10.39 4.51
CA VAL B 208 10.88 10.38 5.77
C VAL B 208 10.15 9.06 5.97
N LYS B 209 9.87 8.36 4.87
CA LYS B 209 9.15 7.07 4.88
C LYS B 209 9.98 5.94 5.43
N TRP B 210 11.25 6.22 5.71
CA TRP B 210 12.13 5.26 6.36
C TRP B 210 12.41 5.62 7.84
N MET B 211 11.89 6.76 8.27
CA MET B 211 12.26 7.29 9.56
C MET B 211 11.38 6.76 10.67
N ALA B 212 11.99 6.32 11.77
CA ALA B 212 11.23 5.96 12.95
C ALA B 212 10.45 7.20 13.46
N PRO B 213 9.28 6.98 14.10
CA PRO B 213 8.50 8.12 14.62
C PRO B 213 9.30 9.00 15.63
N GLU B 214 10.03 8.37 16.56
CA GLU B 214 10.78 9.18 17.54
C GLU B 214 11.86 10.04 16.87
N ALA B 215 12.51 9.51 15.84
CA ALA B 215 13.46 10.27 15.03
C ALA B 215 12.73 11.36 14.27
N LEU B 216 11.60 10.99 13.68
CA LEU B 216 10.80 11.88 12.86
C LEU B 216 10.15 13.00 13.68
N PHE B 217 9.44 12.63 14.77
CA PHE B 217 8.72 13.60 15.62
C PHE B 217 9.52 14.30 16.74
N ASP B 218 10.51 13.61 17.34
CA ASP B 218 11.32 14.20 18.41
C ASP B 218 12.83 14.17 18.13
N ARG B 219 13.23 13.99 16.86
CA ARG B 219 14.66 14.03 16.47
C ARG B 219 15.56 13.11 17.35
N ILE B 220 15.02 11.95 17.73
CA ILE B 220 15.71 10.99 18.59
C ILE B 220 16.24 9.87 17.69
N TYR B 221 17.55 9.74 17.65
CA TYR B 221 18.19 8.78 16.77
C TYR B 221 18.97 7.77 17.60
N THR B 222 18.59 6.49 17.51
CA THR B 222 19.29 5.44 18.22
C THR B 222 19.54 4.27 17.29
N HIS B 223 20.06 3.17 17.86
CA HIS B 223 20.17 1.91 17.16
C HIS B 223 18.77 1.31 16.89
N GLN B 224 17.85 1.49 17.83
CA GLN B 224 16.45 1.07 17.69
C GLN B 224 15.68 1.90 16.66
N SER B 225 16.15 3.12 16.38
CA SER B 225 15.51 3.83 15.27
C SER B 225 15.97 3.36 13.87
N ASP B 226 17.23 2.91 13.75
CA ASP B 226 17.70 2.16 12.54
C ASP B 226 16.98 0.83 12.36
N VAL B 227 16.55 0.24 13.48
CA VAL B 227 15.77 -0.98 13.47
C VAL B 227 14.40 -0.80 12.80
N TRP B 228 13.70 0.29 13.12
CA TRP B 228 12.48 0.66 12.40
C TRP B 228 12.77 0.77 10.89
N SER B 229 13.85 1.49 10.53
CA SER B 229 14.24 1.67 9.11
C SER B 229 14.59 0.35 8.46
N PHE B 230 15.22 -0.54 9.23
CA PHE B 230 15.50 -1.87 8.72
C PHE B 230 14.19 -2.58 8.42
N GLY B 231 13.13 -2.27 9.17
CA GLY B 231 11.83 -2.85 8.90
C GLY B 231 11.26 -2.45 7.54
N VAL B 232 11.41 -1.19 7.19
CA VAL B 232 10.94 -0.71 5.91
C VAL B 232 11.86 -1.26 4.87
N LEU B 233 13.11 -1.50 5.24
CA LEU B 233 14.05 -2.10 4.29
C LEU B 233 13.66 -3.57 3.97
N LEU B 234 13.26 -4.33 4.98
CA LEU B 234 12.69 -5.67 4.78
C LEU B 234 11.51 -5.64 3.81
N TRP B 235 10.59 -4.68 4.02
CA TRP B 235 9.45 -4.49 3.14
C TRP B 235 9.92 -4.18 1.73
N GLU B 236 10.92 -3.30 1.61
CA GLU B 236 11.55 -3.07 0.30
C GLU B 236 12.10 -4.35 -0.33
N ILE B 237 12.63 -5.28 0.50
CA ILE B 237 13.19 -6.51 -0.05
C ILE B 237 12.07 -7.39 -0.60
N PHE B 238 11.08 -7.68 0.23
CA PHE B 238 10.07 -8.67 -0.16
C PHE B 238 9.01 -8.19 -1.16
N THR B 239 8.99 -6.89 -1.42
CA THR B 239 8.29 -6.35 -2.58
C THR B 239 9.24 -6.18 -3.77
N LEU B 240 10.47 -6.68 -3.66
CA LEU B 240 11.47 -6.50 -4.75
C LEU B 240 11.61 -5.06 -5.27
N GLY B 241 11.84 -4.10 -4.36
CA GLY B 241 12.11 -2.71 -4.77
C GLY B 241 10.87 -1.81 -4.83
N GLY B 242 9.84 -2.23 -4.11
CA GLY B 242 8.62 -1.46 -4.10
C GLY B 242 8.87 -0.18 -3.35
N SER B 243 8.09 0.82 -3.71
CA SER B 243 8.14 2.15 -3.17
C SER B 243 7.22 2.18 -1.95
N PRO B 244 7.73 2.60 -0.77
CA PRO B 244 6.82 2.68 0.37
C PRO B 244 5.85 3.84 0.21
N TYR B 245 4.60 3.65 0.59
CA TYR B 245 3.60 4.73 0.53
C TYR B 245 3.61 5.56 -0.78
N PRO B 246 3.36 4.89 -1.93
CA PRO B 246 3.42 5.70 -3.16
C PRO B 246 2.30 6.75 -3.23
N GLY B 247 2.66 7.97 -3.63
CA GLY B 247 1.72 9.09 -3.71
C GLY B 247 1.32 9.71 -2.38
N VAL B 248 1.96 9.30 -1.28
CA VAL B 248 1.65 9.89 0.04
C VAL B 248 2.60 11.06 0.31
N PRO B 249 2.06 12.29 0.43
CA PRO B 249 2.90 13.44 0.75
C PRO B 249 3.26 13.48 2.24
N VAL B 250 4.33 14.22 2.58
CA VAL B 250 4.88 14.26 3.94
C VAL B 250 3.80 14.42 5.02
N GLU B 251 2.88 15.35 4.79
CA GLU B 251 1.86 15.68 5.77
C GLU B 251 0.94 14.51 6.08
N GLU B 252 0.62 13.73 5.06
CA GLU B 252 -0.24 12.57 5.24
C GLU B 252 0.49 11.44 5.92
N LEU B 253 1.79 11.35 5.68
CA LEU B 253 2.61 10.34 6.37
C LEU B 253 2.63 10.59 7.90
N PHE B 254 2.92 11.83 8.29
CA PHE B 254 2.78 12.25 9.70
C PHE B 254 1.46 11.75 10.25
N LYS B 255 0.37 11.98 9.51
CA LYS B 255 -0.96 11.54 9.91
C LYS B 255 -1.11 10.01 9.96
N LEU B 256 -0.49 9.32 9.00
CA LEU B 256 -0.52 7.86 9.02
C LEU B 256 0.20 7.32 10.27
N LEU B 257 1.38 7.87 10.57
CA LEU B 257 2.17 7.35 11.67
C LEU B 257 1.42 7.55 13.01
N LYS B 258 0.84 8.74 13.16
CA LYS B 258 -0.01 9.08 14.29
C LYS B 258 -1.09 8.03 14.53
N GLU B 259 -1.71 7.55 13.45
CA GLU B 259 -2.84 6.62 13.54
C GLU B 259 -2.37 5.19 13.77
N GLY B 260 -1.06 5.01 13.88
CA GLY B 260 -0.48 3.68 14.02
C GLY B 260 -0.69 2.83 12.78
N HIS B 261 -0.91 3.49 11.63
CA HIS B 261 -0.99 2.77 10.38
C HIS B 261 0.33 2.09 10.18
N ARG B 262 0.28 0.86 9.68
CA ARG B 262 1.48 0.11 9.26
C ARG B 262 1.28 -0.44 7.85
N MET B 263 2.35 -0.51 7.06
CA MET B 263 2.23 -1.06 5.70
C MET B 263 1.65 -2.46 5.75
N ASP B 264 0.86 -2.78 4.73
CA ASP B 264 0.26 -4.10 4.52
C ASP B 264 1.36 -5.14 4.31
N LYS B 265 1.06 -6.38 4.72
CA LYS B 265 1.91 -7.53 4.46
C LYS B 265 1.98 -7.82 2.97
N PRO B 266 3.18 -7.76 2.39
CA PRO B 266 3.29 -7.97 0.95
C PRO B 266 2.98 -9.42 0.61
N SER B 267 2.54 -9.63 -0.64
CA SER B 267 2.44 -10.95 -1.23
C SER B 267 3.83 -11.54 -1.22
N ASN B 268 3.91 -12.86 -1.10
CA ASN B 268 5.18 -13.59 -1.06
C ASN B 268 6.02 -13.18 0.15
N CYS B 269 5.39 -13.26 1.32
CA CYS B 269 6.00 -12.94 2.60
C CYS B 269 5.24 -13.74 3.62
N THR B 270 5.97 -14.56 4.36
CA THR B 270 5.41 -15.45 5.39
C THR B 270 4.93 -14.59 6.56
N ASN B 271 4.00 -15.10 7.36
CA ASN B 271 3.60 -14.37 8.58
C ASN B 271 4.71 -14.00 9.61
N GLU B 272 5.70 -14.87 9.75
CA GLU B 272 6.84 -14.63 10.61
C GLU B 272 7.64 -13.40 10.13
N LEU B 273 7.90 -13.34 8.82
CA LEU B 273 8.63 -12.23 8.24
C LEU B 273 7.87 -10.91 8.36
N TYR B 274 6.54 -10.99 8.31
CA TYR B 274 5.72 -9.80 8.46
C TYR B 274 5.71 -9.41 9.93
N MET B 275 5.77 -10.40 10.81
CA MET B 275 5.83 -10.12 12.23
C MET B 275 7.20 -9.48 12.55
N MET B 276 8.23 -9.84 11.80
CA MET B 276 9.53 -9.19 11.98
C MET B 276 9.48 -7.70 11.59
N MET B 277 8.97 -7.39 10.40
CA MET B 277 8.73 -6.00 10.00
C MET B 277 7.89 -5.28 11.04
N ARG B 278 6.72 -5.84 11.35
CA ARG B 278 5.83 -5.27 12.35
C ARG B 278 6.52 -5.11 13.69
N ASP B 279 7.33 -6.12 14.08
CA ASP B 279 8.19 -6.05 15.26
C ASP B 279 9.08 -4.81 15.25
N CYS B 280 9.78 -4.63 14.11
CA CYS B 280 10.62 -3.47 13.89
C CYS B 280 9.84 -2.19 13.92
N TRP B 281 8.53 -2.26 13.70
CA TRP B 281 7.69 -1.07 13.69
C TRP B 281 6.86 -0.90 14.95
N HIS B 282 7.38 -1.40 16.08
CA HIS B 282 6.83 -1.10 17.39
C HIS B 282 7.02 0.36 17.68
N ALA B 283 5.95 1.01 18.15
CA ALA B 283 6.03 2.44 18.52
C ALA B 283 7.01 2.71 19.67
N VAL B 284 7.10 1.76 20.61
CA VAL B 284 8.05 1.83 21.71
C VAL B 284 9.38 1.18 21.27
N PRO B 285 10.47 1.97 21.22
CA PRO B 285 11.71 1.45 20.68
C PRO B 285 12.32 0.25 21.42
N SER B 286 12.12 0.15 22.73
CA SER B 286 12.79 -0.90 23.51
C SER B 286 12.10 -2.23 23.26
N GLN B 287 10.88 -2.13 22.73
CA GLN B 287 10.03 -3.24 22.31
C GLN B 287 10.37 -3.72 20.88
N ARG B 288 11.20 -2.96 20.16
CA ARG B 288 11.64 -3.39 18.82
C ARG B 288 12.69 -4.48 19.07
N PRO B 289 12.96 -5.35 18.08
CA PRO B 289 14.16 -6.16 18.32
C PRO B 289 15.47 -5.35 18.19
N THR B 290 16.56 -5.85 18.74
CA THR B 290 17.88 -5.28 18.48
C THR B 290 18.46 -5.89 17.20
N PHE B 291 19.54 -5.32 16.67
CA PHE B 291 20.18 -5.90 15.50
C PHE B 291 20.76 -7.28 15.76
N LYS B 292 21.29 -7.48 16.97
CA LYS B 292 21.66 -8.81 17.45
C LYS B 292 20.49 -9.81 17.32
N GLN B 293 19.30 -9.45 17.81
CA GLN B 293 18.17 -10.39 17.77
C GLN B 293 17.74 -10.66 16.33
N LEU B 294 17.87 -9.63 15.48
CA LEU B 294 17.46 -9.76 14.09
C LEU B 294 18.48 -10.57 13.31
N VAL B 295 19.74 -10.52 13.70
CA VAL B 295 20.79 -11.34 13.07
C VAL B 295 20.60 -12.80 13.45
N GLU B 296 20.25 -13.05 14.71
CA GLU B 296 19.94 -14.40 15.17
C GLU B 296 18.64 -14.95 14.56
N ASP B 297 17.53 -14.20 14.63
CA ASP B 297 16.27 -14.61 13.97
C ASP B 297 16.47 -14.88 12.48
N LEU B 298 17.20 -13.99 11.79
CA LEU B 298 17.36 -14.12 10.34
C LEU B 298 18.21 -15.34 9.98
N ASP B 299 19.25 -15.60 10.80
CA ASP B 299 20.09 -16.79 10.71
C ASP B 299 19.30 -18.14 10.77
N ARG B 300 18.39 -18.24 11.74
CA ARG B 300 17.47 -19.36 11.89
C ARG B 300 16.54 -19.45 10.67
N ILE B 301 15.97 -18.32 10.28
CA ILE B 301 15.03 -18.27 9.14
C ILE B 301 15.71 -18.71 7.84
N VAL B 302 16.86 -18.10 7.51
CA VAL B 302 17.61 -18.42 6.30
C VAL B 302 17.80 -19.92 6.19
N ALA B 303 18.30 -20.55 7.26
CA ALA B 303 18.58 -22.00 7.27
C ALA B 303 17.35 -22.83 6.91
N LEU B 304 16.16 -22.32 7.24
CA LEU B 304 14.91 -23.08 7.14
C LEU B 304 14.17 -22.81 5.84
N THR B 305 14.39 -21.61 5.28
CA THR B 305 13.73 -21.15 4.03
C THR B 305 14.40 -21.76 2.79
N SER B 306 13.60 -22.50 2.00
CA SER B 306 14.11 -23.34 0.91
C SER B 306 14.84 -22.64 -0.24
N ASN B 307 15.85 -23.32 -0.79
CA ASN B 307 16.52 -22.88 -2.02
C ASN B 307 15.78 -23.40 -3.24
N GLN B 308 14.46 -23.19 -3.26
CA GLN B 308 13.61 -23.68 -4.34
C GLN B 308 12.88 -22.52 -5.02
N GLU B 309 11.80 -22.07 -4.40
CA GLU B 309 10.92 -21.06 -5.00
C GLU B 309 11.25 -19.68 -4.45
C1 EDO C . -31.50 1.16 -2.94
O1 EDO C . -30.37 0.66 -2.22
C2 EDO C . -31.21 1.18 -4.45
O2 EDO C . -30.89 2.54 -4.83
C1 EDO D . -7.01 1.27 -8.82
O1 EDO D . -7.12 2.65 -9.22
C2 EDO D . -5.92 0.57 -9.65
O2 EDO D . -4.91 0.08 -8.76
C1 EDO E . -22.00 -6.49 -19.15
O1 EDO E . -22.18 -7.81 -18.61
C2 EDO E . -21.47 -5.50 -18.10
O2 EDO E . -20.06 -5.66 -17.86
O JVT F . -28.84 0.22 6.85
C11 JVT F . -29.07 -0.95 6.56
C12 JVT F . -29.88 -1.24 5.32
N4 JVT F . -30.51 -2.41 5.12
N3 JVT F . -31.15 -2.29 3.91
C18 JVT F . -30.96 -1.07 3.36
C17 JVT F . -31.40 -0.51 2.17
C16 JVT F . -31.02 0.79 1.87
C15 JVT F . -30.20 1.51 2.73
C14 JVT F . -29.76 0.95 3.92
C13 JVT F . -30.13 -0.36 4.24
N2 JVT F . -28.66 -2.02 7.25
C8 JVT F . -27.79 -2.07 8.37
C7 JVT F . -27.79 -3.21 9.17
C6 JVT F . -26.94 -3.29 10.26
C9 JVT F . -26.94 -1.01 8.68
C10 JVT F . -26.10 -1.08 9.77
C5 JVT F . -26.07 -2.23 10.57
N1 JVT F . -25.22 -2.31 11.67
C2 JVT F . -24.19 -1.28 11.88
C1 JVT F . -23.68 -1.33 13.31
C3 JVT F . -24.72 -3.64 12.03
C4 JVT F . -24.22 -3.65 13.46
N JVT F . -23.16 -2.65 13.64
C JVT F . -22.64 -2.70 15.03
S SO4 G . -15.78 3.35 3.11
O1 SO4 G . -15.72 4.78 2.74
O2 SO4 G . -14.85 3.04 4.23
O3 SO4 G . -15.38 2.59 1.92
O4 SO4 G . -17.12 3.05 3.65
C1 EDO H . 31.03 5.03 4.05
O1 EDO H . 30.10 6.04 4.49
C2 EDO H . 30.84 4.55 2.60
O2 EDO H . 29.79 5.25 1.93
C1 EDO I . 36.03 0.32 6.78
O1 EDO I . 35.22 0.86 7.88
C2 EDO I . 37.50 0.62 7.06
O2 EDO I . 38.41 -0.15 6.25
O JVT J . 28.27 3.65 -6.96
C11 JVT J . 28.84 2.59 -6.72
C12 JVT J . 29.66 2.45 -5.47
N4 JVT J . 30.42 1.37 -5.20
N3 JVT J . 31.00 1.58 -3.98
C18 JVT J . 30.63 2.76 -3.43
C17 JVT J . 30.94 3.36 -2.22
C16 JVT J . 30.38 4.61 -1.93
C15 JVT J . 29.53 5.22 -2.84
C14 JVT J . 29.20 4.61 -4.05
C13 JVT J . 29.76 3.37 -4.36
N2 JVT J . 28.72 1.51 -7.49
C8 JVT J . 27.87 1.29 -8.60
C7 JVT J . 28.15 0.21 -9.43
C6 JVT J . 27.36 -0.05 -10.53
C9 JVT J . 26.77 2.10 -8.88
C10 JVT J . 25.97 1.83 -9.98
C5 JVT J . 26.26 0.75 -10.84
N1 JVT J . 25.44 0.47 -11.95
C2 JVT J . 24.73 -0.81 -11.85
C1 JVT J . 24.08 -1.18 -13.17
C3 JVT J . 24.56 1.53 -12.43
C4 JVT J . 23.92 1.14 -13.75
N JVT J . 23.19 -0.12 -13.64
C JVT J . 22.57 -0.50 -14.93
S SO4 K . 15.05 5.17 -3.45
O1 SO4 K . 14.97 6.29 -2.49
O2 SO4 K . 14.67 4.00 -2.66
O3 SO4 K . 16.38 5.03 -4.08
O4 SO4 K . 14.12 5.38 -4.58
#